data_1QH7
#
_entry.id   1QH7
#
_cell.length_a   71.860
_cell.length_b   75.360
_cell.length_c   78.400
_cell.angle_alpha   90.00
_cell.angle_beta   90.00
_cell.angle_gamma   90.00
#
_symmetry.space_group_name_H-M   'P 21 21 21'
#
loop_
_entity.id
_entity.type
_entity.pdbx_description
1 polymer XYLANASE
2 non-polymer beta-D-xylopyranose
3 water water
#
_entity_poly.entity_id   1
_entity_poly.type   'polypeptide(L)'
_entity_poly.pdbx_seq_one_letter_code
;(PCA)IVTDNSIGNHDGYDYEFWKDSGGSGTMILNHGGTFSAQWNNVNNILFRKGKKFNETQTHQQVGNMSINYGANFQP
NGNAYLCVYGWTVDPLVEYYIVDSWGNWRPPGATPKGTITVDGGTYDIYETLRVNQPSIKGIATFKQYWSVRRSKRTSGT
ISVSNHFRAWENLGMNMGKMYEVALTVEGYQSSGSANVYSNTLRINGNPLS
;
_entity_poly.pdbx_strand_id   A,B
#
# COMPACT_ATOMS: atom_id res chain seq x y z
N ILE A 2 -6.58 -33.17 -2.76
CA ILE A 2 -5.68 -33.71 -3.84
C ILE A 2 -5.42 -32.57 -4.80
N VAL A 3 -4.13 -32.22 -4.90
CA VAL A 3 -3.76 -31.06 -5.71
C VAL A 3 -2.73 -31.48 -6.75
N THR A 4 -3.06 -31.43 -8.03
CA THR A 4 -2.10 -31.87 -9.07
C THR A 4 -1.88 -30.78 -10.11
N ASP A 5 -2.26 -29.54 -9.78
CA ASP A 5 -2.08 -28.40 -10.66
C ASP A 5 -2.00 -27.13 -9.81
N ASN A 6 -1.47 -26.03 -10.36
CA ASN A 6 -1.28 -24.83 -9.55
C ASN A 6 -2.50 -24.49 -8.69
N SER A 7 -2.19 -24.21 -7.44
CA SER A 7 -3.26 -23.90 -6.46
C SER A 7 -2.66 -23.27 -5.20
N ILE A 8 -3.39 -22.28 -4.70
CA ILE A 8 -3.06 -21.55 -3.51
C ILE A 8 -4.30 -21.59 -2.60
N GLY A 9 -4.13 -21.95 -1.36
CA GLY A 9 -5.27 -21.95 -0.44
C GLY A 9 -4.85 -22.12 1.02
N ASN A 10 -5.85 -22.42 1.86
CA ASN A 10 -5.53 -22.64 3.28
C ASN A 10 -6.10 -24.03 3.62
N HIS A 11 -5.32 -24.90 4.22
CA HIS A 11 -5.83 -26.25 4.58
C HIS A 11 -5.37 -26.53 6.02
N ASP A 12 -6.37 -26.73 6.89
CA ASP A 12 -6.16 -27.00 8.29
C ASP A 12 -5.27 -25.98 8.95
N GLY A 13 -5.44 -24.70 8.64
CA GLY A 13 -4.76 -23.57 9.19
C GLY A 13 -3.45 -23.16 8.53
N TYR A 14 -2.96 -23.98 7.61
CA TYR A 14 -1.71 -23.69 6.92
C TYR A 14 -2.02 -23.17 5.53
N ASP A 15 -1.28 -22.18 5.10
CA ASP A 15 -1.35 -21.71 3.71
C ASP A 15 -0.52 -22.69 2.87
N TYR A 16 -1.21 -23.41 1.98
CA TYR A 16 -0.56 -24.38 1.10
C TYR A 16 -0.44 -23.79 -0.30
N GLU A 17 0.56 -24.27 -1.03
CA GLU A 17 0.74 -23.89 -2.42
C GLU A 17 1.38 -25.05 -3.18
N PHE A 18 0.83 -25.24 -4.39
CA PHE A 18 1.39 -26.14 -5.40
C PHE A 18 1.73 -25.24 -6.59
N TRP A 19 2.96 -25.27 -7.09
CA TRP A 19 3.28 -24.44 -8.23
C TRP A 19 4.21 -25.26 -9.15
N LYS A 20 3.88 -25.23 -10.42
CA LYS A 20 4.80 -25.78 -11.42
C LYS A 20 4.69 -24.97 -12.72
N ASP A 21 5.71 -25.15 -13.55
CA ASP A 21 5.64 -24.65 -14.93
C ASP A 21 5.23 -25.84 -15.80
N SER A 22 5.12 -25.66 -17.12
CA SER A 22 4.67 -26.73 -17.98
C SER A 22 5.68 -27.86 -18.06
N GLY A 23 5.20 -29.08 -18.27
CA GLY A 23 6.10 -30.24 -18.40
C GLY A 23 5.98 -31.13 -17.16
N GLY A 24 5.92 -32.44 -17.39
CA GLY A 24 5.86 -33.37 -16.27
C GLY A 24 4.63 -33.22 -15.41
N SER A 25 4.72 -33.81 -14.22
CA SER A 25 3.55 -33.89 -13.35
C SER A 25 3.93 -33.89 -11.88
N GLY A 26 2.92 -33.53 -11.09
CA GLY A 26 3.12 -33.61 -9.62
C GLY A 26 1.76 -33.83 -8.96
N THR A 27 1.83 -34.43 -7.78
CA THR A 27 0.68 -34.69 -6.95
C THR A 27 1.02 -34.35 -5.50
N MET A 28 0.19 -33.51 -4.92
CA MET A 28 0.32 -33.11 -3.52
C MET A 28 -0.95 -33.54 -2.76
N ILE A 29 -0.80 -34.27 -1.69
CA ILE A 29 -1.94 -34.67 -0.86
C ILE A 29 -1.84 -33.84 0.44
N LEU A 30 -2.87 -33.04 0.69
CA LEU A 30 -2.89 -32.16 1.86
C LEU A 30 -3.35 -32.97 3.05
N ASN A 31 -2.50 -33.10 4.07
CA ASN A 31 -2.82 -33.89 5.25
C ASN A 31 -2.94 -32.93 6.46
N HIS A 32 -3.14 -33.54 7.64
CA HIS A 32 -3.39 -32.72 8.81
C HIS A 32 -2.39 -31.64 9.10
N GLY A 33 -2.90 -30.51 9.60
CA GLY A 33 -2.02 -29.45 10.10
C GLY A 33 -1.10 -29.00 8.96
N GLY A 34 0.19 -28.95 9.26
CA GLY A 34 1.19 -28.54 8.27
C GLY A 34 1.67 -29.66 7.36
N THR A 35 1.10 -30.86 7.50
CA THR A 35 1.62 -32.00 6.78
C THR A 35 1.03 -32.16 5.38
N PHE A 36 1.83 -32.90 4.58
CA PHE A 36 1.45 -33.15 3.19
C PHE A 36 2.41 -34.17 2.58
N SER A 37 1.97 -34.79 1.49
CA SER A 37 2.84 -35.67 0.74
C SER A 37 2.92 -35.12 -0.69
N ALA A 38 4.05 -35.37 -1.32
CA ALA A 38 4.35 -34.91 -2.66
C ALA A 38 5.01 -36.01 -3.47
N GLN A 39 4.72 -36.01 -4.77
CA GLN A 39 5.26 -36.93 -5.75
C GLN A 39 5.41 -36.09 -7.02
N TRP A 40 6.53 -36.20 -7.71
CA TRP A 40 6.72 -35.46 -8.95
C TRP A 40 7.50 -36.31 -9.94
N ASN A 41 7.25 -36.01 -11.22
CA ASN A 41 7.88 -36.82 -12.28
C ASN A 41 8.16 -35.96 -13.50
N ASN A 42 9.44 -35.98 -13.88
CA ASN A 42 9.94 -35.32 -15.06
C ASN A 42 9.53 -33.85 -15.17
N VAL A 43 9.60 -33.11 -14.07
CA VAL A 43 9.22 -31.72 -14.09
C VAL A 43 10.33 -30.83 -14.62
N ASN A 44 9.97 -29.63 -14.99
CA ASN A 44 10.93 -28.56 -15.24
C ASN A 44 11.17 -27.92 -13.86
N ASN A 45 10.17 -27.26 -13.29
CA ASN A 45 10.32 -26.73 -11.92
C ASN A 45 9.02 -26.96 -11.16
N ILE A 46 9.10 -27.51 -9.95
CA ILE A 46 7.90 -27.70 -9.12
C ILE A 46 8.17 -27.36 -7.67
N LEU A 47 7.21 -26.72 -7.01
CA LEU A 47 7.32 -26.47 -5.56
C LEU A 47 6.03 -26.92 -4.86
N PHE A 48 6.22 -27.54 -3.71
CA PHE A 48 5.12 -27.95 -2.84
C PHE A 48 5.38 -27.33 -1.47
N ARG A 49 4.40 -26.74 -0.82
CA ARG A 49 4.68 -26.16 0.50
C ARG A 49 3.46 -25.91 1.38
N LYS A 50 3.74 -25.88 2.70
CA LYS A 50 2.72 -25.53 3.70
C LYS A 50 3.40 -24.65 4.77
N GLY A 51 2.83 -23.48 5.00
CA GLY A 51 3.37 -22.54 5.98
C GLY A 51 2.38 -21.39 6.21
N LYS A 52 2.94 -20.20 6.23
CA LYS A 52 2.13 -19.00 6.49
C LYS A 52 2.43 -17.95 5.40
N LYS A 53 1.37 -17.45 4.79
CA LYS A 53 1.50 -16.28 3.92
C LYS A 53 1.08 -15.05 4.72
N PHE A 54 1.79 -13.94 4.51
CA PHE A 54 1.58 -12.72 5.25
C PHE A 54 1.08 -11.59 4.35
N ASN A 55 0.65 -10.51 5.00
CA ASN A 55 0.03 -9.42 4.19
C ASN A 55 0.96 -8.32 3.76
N GLU A 56 2.26 -8.55 3.73
CA GLU A 56 3.26 -7.67 3.18
C GLU A 56 3.35 -6.33 3.89
N THR A 57 3.13 -6.33 5.19
CA THR A 57 3.19 -5.09 5.95
C THR A 57 4.22 -5.13 7.06
N GLN A 58 4.77 -6.27 7.39
CA GLN A 58 5.71 -6.39 8.49
C GLN A 58 7.09 -6.94 8.16
N THR A 59 8.09 -6.45 8.83
CA THR A 59 9.45 -6.96 8.75
C THR A 59 9.42 -8.31 9.49
N HIS A 60 10.46 -9.13 9.32
CA HIS A 60 10.46 -10.40 10.05
C HIS A 60 10.49 -10.12 11.56
N GLN A 61 11.12 -9.01 11.98
CA GLN A 61 11.19 -8.67 13.40
C GLN A 61 9.79 -8.40 13.95
N GLN A 62 8.99 -7.68 13.20
CA GLN A 62 7.61 -7.37 13.55
C GLN A 62 6.75 -8.60 13.63
N VAL A 63 6.89 -9.51 12.65
CA VAL A 63 6.17 -10.78 12.72
C VAL A 63 6.55 -11.47 14.02
N GLY A 64 7.83 -11.57 14.35
CA GLY A 64 8.26 -12.20 15.59
C GLY A 64 9.19 -13.37 15.27
N ASN A 65 9.55 -14.10 16.31
CA ASN A 65 10.43 -15.25 16.15
C ASN A 65 9.74 -16.35 15.38
N MET A 66 10.33 -16.84 14.32
CA MET A 66 9.77 -17.93 13.52
C MET A 66 10.63 -19.19 13.66
N SER A 67 9.96 -20.30 13.93
CA SER A 67 10.71 -21.56 14.10
C SER A 67 9.83 -22.68 13.58
N ILE A 68 10.43 -23.57 12.81
CA ILE A 68 9.73 -24.70 12.23
C ILE A 68 10.31 -26.02 12.70
N ASN A 69 9.46 -26.86 13.31
CA ASN A 69 9.88 -28.21 13.70
C ASN A 69 9.29 -29.13 12.63
N TYR A 70 10.15 -29.93 12.02
CA TYR A 70 9.62 -30.73 10.90
C TYR A 70 10.30 -32.11 10.88
N GLY A 71 9.74 -32.90 10.01
CA GLY A 71 10.23 -34.23 9.67
C GLY A 71 9.72 -34.61 8.30
N ALA A 72 10.61 -35.15 7.47
CA ALA A 72 10.12 -35.57 6.15
C ALA A 72 10.96 -36.77 5.65
N ASN A 73 10.24 -37.65 4.97
CA ASN A 73 10.86 -38.80 4.28
C ASN A 73 11.09 -38.33 2.85
N PHE A 74 12.32 -37.92 2.54
CA PHE A 74 12.65 -37.21 1.32
C PHE A 74 13.43 -38.11 0.38
N GLN A 75 12.82 -38.41 -0.76
CA GLN A 75 13.37 -39.35 -1.72
C GLN A 75 13.39 -38.75 -3.13
N PRO A 76 14.32 -37.83 -3.38
CA PRO A 76 14.47 -37.23 -4.69
C PRO A 76 15.26 -38.11 -5.66
N ASN A 77 14.92 -38.01 -6.93
CA ASN A 77 15.67 -38.78 -7.97
C ASN A 77 16.17 -37.64 -8.83
N GLY A 78 17.33 -37.05 -8.50
CA GLY A 78 17.78 -35.89 -9.24
C GLY A 78 17.75 -34.65 -8.30
N ASN A 79 17.73 -33.49 -8.93
CA ASN A 79 17.84 -32.21 -8.27
C ASN A 79 16.58 -31.82 -7.52
N ALA A 80 16.68 -31.76 -6.21
CA ALA A 80 15.53 -31.30 -5.41
C ALA A 80 15.98 -30.82 -4.04
N TYR A 81 15.18 -29.95 -3.43
CA TYR A 81 15.53 -29.39 -2.13
C TYR A 81 14.46 -29.59 -1.08
N LEU A 82 14.88 -29.91 0.14
CA LEU A 82 14.03 -29.94 1.31
C LEU A 82 14.41 -28.76 2.19
N CYS A 83 13.50 -27.78 2.33
CA CYS A 83 13.92 -26.52 2.93
C CYS A 83 12.78 -25.75 3.54
N VAL A 84 13.20 -24.67 4.22
CA VAL A 84 12.25 -23.61 4.57
C VAL A 84 12.45 -22.59 3.44
N TYR A 85 11.34 -22.07 2.94
CA TYR A 85 11.32 -21.18 1.80
C TYR A 85 10.29 -20.08 1.94
N GLY A 86 10.54 -18.97 1.23
CA GLY A 86 9.53 -17.93 1.22
C GLY A 86 10.08 -16.73 0.45
N TRP A 87 9.36 -15.62 0.64
CA TRP A 87 9.71 -14.39 0.00
C TRP A 87 9.53 -13.20 0.95
N THR A 88 10.25 -12.13 0.59
CA THR A 88 9.96 -10.81 1.07
C THR A 88 9.61 -9.92 -0.14
N VAL A 89 8.98 -8.79 0.09
CA VAL A 89 8.68 -7.76 -0.92
C VAL A 89 9.22 -6.40 -0.44
N ASP A 90 9.64 -5.62 -1.44
CA ASP A 90 10.25 -4.30 -1.19
C ASP A 90 11.41 -4.33 -0.21
N PRO A 91 12.51 -5.00 -0.59
CA PRO A 91 12.72 -5.67 -1.86
C PRO A 91 12.21 -7.08 -2.07
N LEU A 92 11.96 -7.44 -3.29
CA LEU A 92 11.46 -8.77 -3.69
C LEU A 92 12.64 -9.73 -3.58
N VAL A 93 12.52 -10.68 -2.66
CA VAL A 93 13.56 -11.64 -2.40
C VAL A 93 12.96 -13.04 -2.25
N GLU A 94 13.56 -14.03 -2.86
CA GLU A 94 13.17 -15.45 -2.71
C GLU A 94 14.23 -16.04 -1.78
N TYR A 95 13.85 -16.77 -0.73
CA TYR A 95 14.84 -17.26 0.21
C TYR A 95 14.64 -18.74 0.52
N TYR A 96 15.81 -19.33 0.90
CA TYR A 96 15.89 -20.74 1.17
C TYR A 96 16.79 -21.07 2.37
N ILE A 97 16.32 -21.97 3.20
CA ILE A 97 17.14 -22.56 4.26
C ILE A 97 17.05 -24.06 3.93
N VAL A 98 18.10 -24.62 3.35
CA VAL A 98 18.13 -25.97 2.81
C VAL A 98 18.79 -26.95 3.77
N ASP A 99 18.02 -27.95 4.20
CA ASP A 99 18.52 -28.97 5.11
C ASP A 99 18.88 -30.26 4.34
N SER A 100 18.21 -30.54 3.22
CA SER A 100 18.57 -31.69 2.43
C SER A 100 18.38 -31.37 0.94
N TRP A 101 18.98 -32.20 0.12
CA TRP A 101 18.98 -32.04 -1.33
C TRP A 101 19.17 -33.43 -1.99
N GLY A 102 19.06 -33.44 -3.32
CA GLY A 102 19.21 -34.68 -4.04
C GLY A 102 20.66 -34.84 -4.52
N ASN A 103 20.81 -34.91 -5.84
CA ASN A 103 22.19 -35.17 -6.31
C ASN A 103 23.04 -33.92 -6.32
N TRP A 104 22.47 -32.75 -6.15
CA TRP A 104 23.24 -31.52 -6.29
C TRP A 104 23.09 -30.61 -5.09
N ARG A 105 24.20 -30.29 -4.44
CA ARG A 105 24.17 -29.35 -3.32
C ARG A 105 24.06 -27.94 -3.88
N PRO A 106 22.96 -27.22 -3.65
CA PRO A 106 22.81 -25.90 -4.24
C PRO A 106 23.65 -24.86 -3.52
N PRO A 107 23.74 -23.65 -4.05
CA PRO A 107 23.10 -23.16 -5.24
C PRO A 107 24.08 -22.82 -6.35
N GLY A 108 25.32 -23.32 -6.22
CA GLY A 108 26.27 -23.18 -7.33
C GLY A 108 27.11 -21.93 -7.26
N ALA A 109 27.08 -21.16 -6.19
CA ALA A 109 27.75 -19.87 -6.09
C ALA A 109 28.83 -19.95 -5.01
N THR A 110 29.60 -18.89 -4.91
CA THR A 110 30.65 -18.84 -3.88
C THR A 110 30.00 -18.37 -2.58
N PRO A 111 30.25 -19.02 -1.46
CA PRO A 111 29.67 -18.60 -0.19
C PRO A 111 30.07 -17.19 0.22
N LYS A 112 29.16 -16.51 0.86
CA LYS A 112 29.35 -15.17 1.39
C LYS A 112 29.58 -15.15 2.89
N GLY A 113 29.38 -16.28 3.56
CA GLY A 113 29.56 -16.43 4.99
C GLY A 113 29.00 -17.78 5.44
N THR A 114 29.01 -17.99 6.76
CA THR A 114 28.49 -19.17 7.36
C THR A 114 27.70 -18.80 8.62
N ILE A 115 26.74 -19.64 8.94
CA ILE A 115 25.98 -19.52 10.15
C ILE A 115 25.97 -20.87 10.86
N THR A 116 26.22 -20.85 12.19
CA THR A 116 26.01 -22.05 12.98
C THR A 116 24.70 -21.86 13.74
N VAL A 117 23.84 -22.86 13.63
CA VAL A 117 22.49 -22.83 14.22
C VAL A 117 21.89 -24.23 14.13
N ASP A 118 21.07 -24.57 15.11
CA ASP A 118 20.30 -25.83 15.10
C ASP A 118 21.20 -27.03 14.95
N GLY A 119 22.38 -26.97 15.56
CA GLY A 119 23.34 -28.05 15.55
C GLY A 119 24.02 -28.29 14.24
N GLY A 120 23.83 -27.41 13.28
CA GLY A 120 24.45 -27.51 11.97
C GLY A 120 25.26 -26.30 11.62
N THR A 121 25.97 -26.41 10.50
CA THR A 121 26.76 -25.33 9.94
C THR A 121 26.23 -25.14 8.50
N TYR A 122 25.80 -23.94 8.20
CA TYR A 122 25.26 -23.62 6.90
C TYR A 122 26.13 -22.58 6.18
N ASP A 123 26.35 -22.81 4.88
CA ASP A 123 27.01 -21.84 4.03
C ASP A 123 25.91 -20.89 3.52
N ILE A 124 26.19 -19.60 3.49
CA ILE A 124 25.28 -18.55 3.10
C ILE A 124 25.66 -18.03 1.71
N TYR A 125 24.64 -17.92 0.85
CA TYR A 125 24.84 -17.48 -0.52
C TYR A 125 23.78 -16.49 -0.96
N GLU A 126 24.17 -15.69 -1.96
CA GLU A 126 23.23 -14.76 -2.60
C GLU A 126 23.34 -14.97 -4.11
N THR A 127 22.24 -15.23 -4.78
CA THR A 127 22.22 -15.40 -6.23
C THR A 127 21.22 -14.49 -6.88
N LEU A 128 21.23 -14.41 -8.19
CA LEU A 128 20.35 -13.49 -8.93
C LEU A 128 19.48 -14.26 -9.95
N ARG A 129 18.20 -13.99 -10.00
CA ARG A 129 17.30 -14.56 -10.98
C ARG A 129 16.90 -13.41 -11.92
N VAL A 130 17.03 -13.68 -13.24
CA VAL A 130 16.79 -12.59 -14.21
C VAL A 130 15.59 -12.89 -15.07
N ASN A 131 14.55 -12.08 -15.01
CA ASN A 131 13.32 -12.21 -15.77
C ASN A 131 12.69 -13.58 -15.62
N GLN A 132 12.50 -13.98 -14.36
CA GLN A 132 11.95 -15.29 -14.07
C GLN A 132 10.61 -15.11 -13.40
N PRO A 133 9.78 -16.11 -13.42
CA PRO A 133 8.51 -16.08 -12.74
C PRO A 133 8.74 -15.85 -11.25
N SER A 134 7.83 -15.09 -10.65
CA SER A 134 7.94 -14.80 -9.21
C SER A 134 6.52 -14.63 -8.68
N ILE A 135 6.40 -14.40 -7.39
CA ILE A 135 5.12 -14.07 -6.77
C ILE A 135 4.58 -12.71 -7.24
N LYS A 136 5.36 -11.85 -7.85
CA LYS A 136 4.99 -10.53 -8.33
C LYS A 136 5.33 -10.38 -9.83
N GLY A 137 5.06 -11.41 -10.62
CA GLY A 137 5.33 -11.31 -12.06
C GLY A 137 6.72 -11.66 -12.51
N ILE A 138 6.98 -11.54 -13.81
CA ILE A 138 8.32 -11.85 -14.38
C ILE A 138 9.21 -10.73 -13.89
N ALA A 139 10.26 -11.10 -13.16
CA ALA A 139 11.05 -10.13 -12.45
C ALA A 139 12.48 -10.56 -12.29
N THR A 140 13.29 -9.57 -11.95
CA THR A 140 14.71 -9.79 -11.65
C THR A 140 14.89 -9.55 -10.16
N PHE A 141 15.34 -10.58 -9.44
CA PHE A 141 15.39 -10.46 -7.98
C PHE A 141 16.50 -11.35 -7.44
N LYS A 142 16.90 -11.06 -6.21
CA LYS A 142 17.89 -11.86 -5.53
C LYS A 142 17.24 -13.05 -4.83
N GLN A 143 18.04 -14.08 -4.65
CA GLN A 143 17.76 -15.25 -3.84
C GLN A 143 18.78 -15.31 -2.71
N TYR A 144 18.31 -15.55 -1.50
CA TYR A 144 19.16 -15.69 -0.33
C TYR A 144 19.08 -17.15 0.11
N TRP A 145 20.27 -17.67 0.48
CA TRP A 145 20.34 -19.07 0.86
C TRP A 145 21.13 -19.31 2.14
N SER A 146 20.74 -20.28 2.91
CA SER A 146 21.54 -20.95 3.91
C SER A 146 21.50 -22.44 3.51
N VAL A 147 22.64 -23.09 3.31
CA VAL A 147 22.63 -24.51 2.89
C VAL A 147 23.42 -25.37 3.87
N ARG A 148 22.81 -26.34 4.52
CA ARG A 148 23.53 -27.12 5.50
C ARG A 148 24.73 -27.84 4.87
N ARG A 149 25.76 -28.05 5.71
CA ARG A 149 26.94 -28.74 5.14
C ARG A 149 26.75 -30.23 4.93
N SER A 150 25.86 -30.82 5.70
CA SER A 150 25.53 -32.24 5.46
C SER A 150 24.00 -32.33 5.58
N LYS A 151 23.46 -33.36 4.99
CA LYS A 151 22.02 -33.50 4.92
C LYS A 151 21.34 -33.91 6.21
N ARG A 152 20.16 -33.35 6.44
CA ARG A 152 19.29 -33.89 7.49
C ARG A 152 17.85 -33.70 7.02
N THR A 153 16.93 -34.54 7.53
CA THR A 153 15.54 -34.52 7.09
C THR A 153 14.52 -34.45 8.23
N SER A 154 15.03 -34.08 9.42
CA SER A 154 14.13 -33.75 10.55
C SER A 154 14.88 -32.87 11.53
N GLY A 155 14.12 -32.10 12.30
CA GLY A 155 14.71 -31.25 13.34
C GLY A 155 13.96 -29.93 13.42
N THR A 156 14.62 -28.90 13.93
CA THR A 156 14.05 -27.60 14.09
C THR A 156 14.90 -26.59 13.31
N ILE A 157 14.23 -25.73 12.57
CA ILE A 157 14.92 -24.66 11.84
C ILE A 157 14.52 -23.35 12.51
N SER A 158 15.48 -22.69 13.10
CA SER A 158 15.31 -21.37 13.73
C SER A 158 15.45 -20.32 12.64
N VAL A 159 14.31 -20.09 11.97
CA VAL A 159 14.24 -19.29 10.76
C VAL A 159 14.76 -17.89 10.98
N SER A 160 14.35 -17.24 12.07
CA SER A 160 14.72 -15.88 12.38
C SER A 160 16.21 -15.72 12.62
N ASN A 161 16.89 -16.76 13.07
CA ASN A 161 18.34 -16.70 13.21
C ASN A 161 19.00 -16.53 11.84
N HIS A 162 18.57 -17.33 10.85
CA HIS A 162 19.09 -17.15 9.51
C HIS A 162 18.83 -15.76 8.96
N PHE A 163 17.63 -15.21 9.20
CA PHE A 163 17.34 -13.84 8.72
C PHE A 163 18.31 -12.84 9.35
N ARG A 164 18.61 -12.98 10.64
CA ARG A 164 19.56 -12.06 11.28
C ARG A 164 20.96 -12.25 10.71
N ALA A 165 21.37 -13.47 10.38
CA ALA A 165 22.69 -13.68 9.81
C ALA A 165 22.73 -13.02 8.42
N TRP A 166 21.65 -13.21 7.62
CA TRP A 166 21.63 -12.60 6.30
C TRP A 166 21.72 -11.09 6.39
N GLU A 167 20.91 -10.49 7.25
CA GLU A 167 20.97 -9.01 7.41
C GLU A 167 22.32 -8.56 7.92
N ASN A 168 23.00 -9.33 8.73
CA ASN A 168 24.34 -9.01 9.20
C ASN A 168 25.27 -8.90 8.01
N LEU A 169 25.11 -9.73 6.98
CA LEU A 169 25.93 -9.72 5.79
C LEU A 169 25.49 -8.72 4.72
N GLY A 170 24.48 -7.91 5.04
CA GLY A 170 23.99 -6.89 4.15
C GLY A 170 23.02 -7.44 3.11
N MET A 171 22.46 -8.62 3.39
CA MET A 171 21.47 -9.18 2.47
C MET A 171 20.10 -8.62 2.88
N ASN A 172 19.75 -7.47 2.29
CA ASN A 172 18.59 -6.71 2.70
C ASN A 172 17.30 -7.52 2.59
N MET A 173 16.47 -7.44 3.62
CA MET A 173 15.18 -8.13 3.61
C MET A 173 14.03 -7.11 3.60
N GLY A 174 12.95 -7.46 2.89
CA GLY A 174 11.80 -6.59 2.83
C GLY A 174 10.72 -7.05 3.81
N LYS A 175 9.49 -6.67 3.50
CA LYS A 175 8.33 -7.07 4.29
C LYS A 175 8.01 -8.55 3.98
N MET A 176 7.61 -9.26 5.03
CA MET A 176 7.35 -10.70 4.85
C MET A 176 6.15 -11.00 3.96
N TYR A 177 6.36 -11.91 2.99
CA TYR A 177 5.28 -12.42 2.19
C TYR A 177 4.96 -13.87 2.57
N GLU A 178 5.97 -14.67 2.87
CA GLU A 178 5.69 -16.07 3.23
C GLU A 178 6.86 -16.73 3.96
N VAL A 179 6.59 -17.74 4.75
CA VAL A 179 7.56 -18.67 5.31
C VAL A 179 6.92 -20.07 5.26
N ALA A 180 7.58 -21.09 4.74
CA ALA A 180 6.94 -22.41 4.63
C ALA A 180 7.93 -23.55 4.46
N LEU A 181 7.58 -24.72 5.00
CA LEU A 181 8.37 -25.95 4.77
C LEU A 181 7.97 -26.39 3.34
N THR A 182 9.03 -26.54 2.53
CA THR A 182 8.91 -26.69 1.08
C THR A 182 9.79 -27.78 0.51
N VAL A 183 9.25 -28.41 -0.53
CA VAL A 183 9.98 -29.34 -1.35
C VAL A 183 10.01 -28.76 -2.77
N GLU A 184 11.19 -28.55 -3.30
CA GLU A 184 11.31 -28.01 -4.65
C GLU A 184 12.02 -29.03 -5.54
N GLY A 185 11.52 -29.21 -6.75
CA GLY A 185 12.28 -30.06 -7.70
C GLY A 185 12.58 -29.28 -8.97
N TYR A 186 13.75 -29.63 -9.56
CA TYR A 186 14.19 -29.01 -10.82
C TYR A 186 14.69 -30.12 -11.74
N GLN A 187 14.05 -30.29 -12.92
CA GLN A 187 14.49 -31.31 -13.87
C GLN A 187 14.75 -32.64 -13.16
N SER A 188 13.69 -33.08 -12.47
CA SER A 188 13.81 -34.29 -11.65
C SER A 188 12.47 -34.93 -11.38
N SER A 189 12.52 -36.01 -10.61
CA SER A 189 11.38 -36.83 -10.19
C SER A 189 11.66 -37.18 -8.72
N GLY A 190 10.66 -37.57 -7.97
CA GLY A 190 10.84 -37.99 -6.60
C GLY A 190 9.55 -38.05 -5.79
N SER A 191 9.76 -38.28 -4.50
CA SER A 191 8.64 -38.28 -3.57
C SER A 191 9.15 -37.67 -2.26
N ALA A 192 8.22 -37.13 -1.50
CA ALA A 192 8.51 -36.62 -0.17
C ALA A 192 7.26 -36.75 0.70
N ASN A 193 7.41 -37.34 1.89
CA ASN A 193 6.29 -37.42 2.82
C ASN A 193 6.62 -36.49 3.98
N VAL A 194 5.98 -35.33 4.05
CA VAL A 194 6.24 -34.40 5.16
C VAL A 194 5.26 -34.79 6.27
N TYR A 195 5.76 -35.57 7.19
CA TYR A 195 4.93 -36.14 8.24
C TYR A 195 4.87 -35.29 9.50
N SER A 196 5.66 -34.23 9.56
CA SER A 196 5.70 -33.34 10.68
C SER A 196 6.11 -31.95 10.15
N ASN A 197 5.32 -30.96 10.51
CA ASN A 197 5.62 -29.58 10.08
C ASN A 197 4.80 -28.58 10.89
N THR A 198 5.39 -28.04 11.95
CA THR A 198 4.79 -27.04 12.79
C THR A 198 5.56 -25.73 12.77
N LEU A 199 4.89 -24.69 12.33
CA LEU A 199 5.45 -23.35 12.37
C LEU A 199 4.98 -22.67 13.67
N ARG A 200 5.88 -22.22 14.49
CA ARG A 200 5.60 -21.42 15.68
C ARG A 200 6.12 -19.98 15.44
N ILE A 201 5.23 -19.06 15.76
CA ILE A 201 5.52 -17.62 15.68
C ILE A 201 5.52 -17.12 17.12
N ASN A 202 6.62 -16.61 17.65
CA ASN A 202 6.68 -16.26 19.08
C ASN A 202 6.22 -17.43 19.94
N GLY A 203 6.65 -18.64 19.57
CA GLY A 203 6.32 -19.84 20.30
C GLY A 203 4.95 -20.41 20.09
N ASN A 204 4.03 -19.76 19.42
CA ASN A 204 2.67 -20.23 19.25
C ASN A 204 2.54 -20.96 17.91
N PRO A 205 2.13 -22.21 17.94
CA PRO A 205 1.91 -22.95 16.69
C PRO A 205 0.81 -22.31 15.88
N LEU A 206 0.93 -22.41 14.56
CA LEU A 206 -0.10 -21.88 13.66
C LEU A 206 -1.36 -22.71 13.83
N SER A 207 -2.50 -22.04 13.71
CA SER A 207 -3.80 -22.70 13.70
C SER A 207 -4.78 -21.79 12.94
N ILE B 2 -29.78 13.73 -4.71
CA ILE B 2 -28.76 13.12 -5.66
C ILE B 2 -28.44 14.13 -6.72
N VAL B 3 -27.20 14.60 -6.84
CA VAL B 3 -26.75 15.59 -7.81
C VAL B 3 -25.75 14.92 -8.75
N THR B 4 -26.03 14.98 -10.06
CA THR B 4 -25.26 14.17 -11.02
C THR B 4 -24.63 14.90 -12.19
N ASP B 5 -24.74 16.22 -12.21
CA ASP B 5 -24.13 17.00 -13.30
C ASP B 5 -23.96 18.43 -12.78
N ASN B 6 -23.26 19.24 -13.58
CA ASN B 6 -22.85 20.56 -13.07
C ASN B 6 -24.01 21.39 -12.56
N SER B 7 -23.86 21.81 -11.29
CA SER B 7 -24.93 22.59 -10.70
C SER B 7 -24.45 23.16 -9.36
N ILE B 8 -25.14 24.24 -9.01
CA ILE B 8 -24.90 24.82 -7.71
C ILE B 8 -26.25 24.98 -7.01
N GLY B 9 -26.26 25.05 -5.70
CA GLY B 9 -27.49 25.33 -4.99
C GLY B 9 -27.12 25.60 -3.52
N ASN B 10 -28.19 25.68 -2.72
CA ASN B 10 -27.97 25.84 -1.28
C ASN B 10 -28.74 24.72 -0.63
N HIS B 11 -28.18 24.02 0.33
CA HIS B 11 -28.83 22.90 1.00
C HIS B 11 -28.50 22.98 2.50
N ASP B 12 -29.53 23.14 3.32
CA ASP B 12 -29.34 23.29 4.74
C ASP B 12 -28.38 24.44 5.11
N GLY B 13 -28.36 25.51 4.34
CA GLY B 13 -27.54 26.67 4.73
C GLY B 13 -26.18 26.65 4.03
N TYR B 14 -25.83 25.51 3.43
CA TYR B 14 -24.56 25.38 2.74
C TYR B 14 -24.68 25.52 1.24
N ASP B 15 -23.79 26.31 0.65
CA ASP B 15 -23.67 26.39 -0.78
C ASP B 15 -22.99 25.12 -1.30
N TYR B 16 -23.67 24.32 -2.10
CA TYR B 16 -23.05 23.09 -2.62
C TYR B 16 -22.74 23.29 -4.10
N GLU B 17 -21.81 22.49 -4.59
CA GLU B 17 -21.55 22.54 -6.03
C GLU B 17 -21.03 21.18 -6.46
N PHE B 18 -21.45 20.76 -7.62
CA PHE B 18 -20.96 19.62 -8.34
C PHE B 18 -20.33 20.20 -9.61
N TRP B 19 -19.11 19.82 -9.93
CA TRP B 19 -18.50 20.26 -11.19
C TRP B 19 -17.63 19.15 -11.75
N LYS B 20 -17.78 18.90 -13.04
CA LYS B 20 -16.91 18.01 -13.75
C LYS B 20 -16.75 18.45 -15.21
N ASP B 21 -15.70 17.96 -15.84
CA ASP B 21 -15.59 18.15 -17.30
C ASP B 21 -16.15 16.87 -17.92
N SER B 22 -16.20 16.81 -19.26
CA SER B 22 -16.85 15.65 -19.89
C SER B 22 -16.03 14.40 -19.64
N GLY B 23 -16.61 13.23 -19.54
CA GLY B 23 -15.85 12.01 -19.32
C GLY B 23 -16.16 11.36 -18.00
N GLY B 24 -16.42 10.05 -17.99
CA GLY B 24 -16.70 9.44 -16.67
C GLY B 24 -17.99 9.99 -16.09
N SER B 25 -18.19 9.70 -14.80
CA SER B 25 -19.41 10.09 -14.12
C SER B 25 -19.16 10.33 -12.64
N GLY B 26 -20.15 10.97 -12.03
CA GLY B 26 -20.05 11.14 -10.56
C GLY B 26 -21.47 11.31 -10.01
N THR B 27 -21.60 11.02 -8.71
CA THR B 27 -22.88 11.24 -8.05
C THR B 27 -22.59 11.82 -6.67
N MET B 28 -23.35 12.84 -6.28
CA MET B 28 -23.13 13.47 -4.99
C MET B 28 -24.44 13.42 -4.22
N ILE B 29 -24.43 12.99 -2.98
CA ILE B 29 -25.64 12.91 -2.15
C ILE B 29 -25.59 14.04 -1.12
N LEU B 30 -26.60 14.88 -1.07
CA LEU B 30 -26.64 15.97 -0.10
C LEU B 30 -27.25 15.47 1.19
N ASN B 31 -26.50 15.54 2.27
CA ASN B 31 -26.93 15.11 3.59
C ASN B 31 -27.05 16.31 4.53
N HIS B 32 -27.42 16.11 5.78
CA HIS B 32 -27.72 17.20 6.68
C HIS B 32 -26.55 18.20 6.86
N GLY B 33 -26.95 19.46 6.97
CA GLY B 33 -26.01 20.52 7.25
C GLY B 33 -24.95 20.64 6.16
N GLY B 34 -23.68 20.57 6.55
CA GLY B 34 -22.58 20.69 5.60
C GLY B 34 -22.19 19.34 5.03
N THR B 35 -22.91 18.28 5.32
CA THR B 35 -22.44 16.95 4.98
C THR B 35 -22.93 16.46 3.63
N PHE B 36 -22.18 15.53 3.04
CA PHE B 36 -22.49 14.99 1.73
C PHE B 36 -21.61 13.76 1.47
N SER B 37 -22.03 12.91 0.54
CA SER B 37 -21.19 11.78 0.15
C SER B 37 -21.02 11.89 -1.36
N ALA B 38 -20.01 11.22 -1.89
CA ALA B 38 -19.73 11.30 -3.31
C ALA B 38 -19.12 10.02 -3.84
N GLN B 39 -19.38 9.76 -5.10
CA GLN B 39 -18.80 8.62 -5.80
C GLN B 39 -18.39 9.13 -7.19
N TRP B 40 -17.24 8.74 -7.70
CA TRP B 40 -16.81 9.17 -9.04
C TRP B 40 -16.17 7.99 -9.74
N ASN B 41 -16.36 7.90 -11.04
CA ASN B 41 -15.87 6.79 -11.85
C ASN B 41 -15.23 7.28 -13.14
N ASN B 42 -13.93 6.99 -13.23
CA ASN B 42 -13.11 7.27 -14.42
C ASN B 42 -13.31 8.68 -14.96
N VAL B 43 -13.13 9.65 -14.07
CA VAL B 43 -13.26 11.04 -14.47
C VAL B 43 -11.95 11.62 -14.99
N ASN B 44 -12.07 12.73 -15.71
CA ASN B 44 -10.90 13.56 -16.05
C ASN B 44 -10.72 14.44 -14.81
N ASN B 45 -11.71 15.27 -14.47
CA ASN B 45 -11.63 16.11 -13.27
C ASN B 45 -13.04 16.29 -12.68
N ILE B 46 -13.15 16.13 -11.37
CA ILE B 46 -14.45 16.32 -10.71
C ILE B 46 -14.24 16.95 -9.33
N LEU B 47 -15.17 17.81 -8.94
CA LEU B 47 -15.14 18.42 -7.64
C LEU B 47 -16.56 18.35 -7.00
N PHE B 48 -16.58 17.97 -5.73
CA PHE B 48 -17.77 17.96 -4.92
C PHE B 48 -17.55 18.80 -3.66
N ARG B 49 -18.46 19.72 -3.33
CA ARG B 49 -18.17 20.54 -2.16
C ARG B 49 -19.40 21.14 -1.49
N LYS B 50 -19.24 21.48 -0.22
CA LYS B 50 -20.26 22.19 0.54
C LYS B 50 -19.55 23.25 1.39
N GLY B 51 -20.00 24.49 1.32
CA GLY B 51 -19.37 25.55 2.10
C GLY B 51 -20.19 26.84 1.94
N LYS B 52 -19.49 27.95 1.74
CA LYS B 52 -20.14 29.24 1.59
C LYS B 52 -19.60 29.92 0.35
N LYS B 53 -20.52 30.43 -0.47
CA LYS B 53 -20.18 31.27 -1.58
C LYS B 53 -20.45 32.72 -1.11
N PHE B 54 -19.58 33.60 -1.51
CA PHE B 54 -19.57 35.01 -1.16
C PHE B 54 -19.80 35.91 -2.36
N ASN B 55 -20.12 37.20 -2.07
CA ASN B 55 -20.50 38.07 -3.19
C ASN B 55 -19.39 38.92 -3.78
N GLU B 56 -18.16 38.54 -3.62
CA GLU B 56 -16.97 39.16 -4.14
C GLU B 56 -16.76 40.60 -3.71
N THR B 57 -17.14 40.96 -2.50
CA THR B 57 -16.93 42.34 -2.04
C THR B 57 -15.99 42.44 -0.86
N GLN B 58 -15.63 41.30 -0.25
CA GLN B 58 -14.85 41.35 0.97
C GLN B 58 -13.54 40.58 0.95
N THR B 59 -12.54 41.16 1.55
CA THR B 59 -11.28 40.43 1.72
C THR B 59 -11.55 39.35 2.76
N HIS B 60 -10.64 38.39 2.92
CA HIS B 60 -10.87 37.39 3.98
C HIS B 60 -10.91 38.03 5.35
N GLN B 61 -10.15 39.12 5.54
CA GLN B 61 -10.16 39.82 6.81
C GLN B 61 -11.55 40.40 7.12
N GLN B 62 -12.21 40.95 6.11
CA GLN B 62 -13.56 41.51 6.32
C GLN B 62 -14.60 40.44 6.60
N VAL B 63 -14.48 39.30 5.86
CA VAL B 63 -15.41 38.21 6.18
C VAL B 63 -15.28 37.85 7.65
N GLY B 64 -14.04 37.68 8.11
CA GLY B 64 -13.68 37.33 9.45
C GLY B 64 -12.94 35.99 9.53
N ASN B 65 -12.87 35.54 10.78
CA ASN B 65 -12.16 34.30 11.08
C ASN B 65 -12.92 33.13 10.52
N MET B 66 -12.26 32.29 9.73
CA MET B 66 -12.94 31.12 9.16
C MET B 66 -12.27 29.86 9.69
N SER B 67 -13.05 28.90 10.10
CA SER B 67 -12.57 27.63 10.63
C SER B 67 -13.55 26.53 10.27
N ILE B 68 -13.04 25.37 9.86
CA ILE B 68 -13.91 24.27 9.50
C ILE B 68 -13.59 23.04 10.36
N ASN B 69 -14.62 22.48 10.99
CA ASN B 69 -14.44 21.19 11.67
C ASN B 69 -14.96 20.13 10.68
N TYR B 70 -14.25 19.07 10.42
CA TYR B 70 -14.73 18.09 9.45
C TYR B 70 -14.30 16.68 9.84
N GLY B 71 -14.97 15.76 9.14
CA GLY B 71 -14.60 14.32 9.25
C GLY B 71 -15.07 13.70 7.92
N ALA B 72 -14.27 12.81 7.38
CA ALA B 72 -14.65 12.10 6.16
C ALA B 72 -14.04 10.71 6.06
N ASN B 73 -14.81 9.80 5.47
CA ASN B 73 -14.30 8.49 5.06
C ASN B 73 -13.84 8.74 3.63
N PHE B 74 -12.57 8.63 3.31
CA PHE B 74 -12.06 9.04 2.00
C PHE B 74 -11.37 7.86 1.36
N GLN B 75 -11.91 7.37 0.24
CA GLN B 75 -11.42 6.19 -0.43
C GLN B 75 -11.21 6.39 -1.92
N PRO B 76 -10.16 7.15 -2.26
CA PRO B 76 -9.78 7.34 -3.63
C PRO B 76 -9.10 6.10 -4.22
N ASN B 77 -9.31 5.88 -5.50
CA ASN B 77 -8.63 4.80 -6.25
C ASN B 77 -7.88 5.57 -7.33
N GLY B 78 -6.79 6.18 -6.90
CA GLY B 78 -5.93 7.00 -7.74
C GLY B 78 -5.87 8.42 -7.18
N ASN B 79 -5.67 9.38 -8.06
CA ASN B 79 -5.48 10.77 -7.61
C ASN B 79 -6.72 11.49 -7.17
N ALA B 80 -6.70 12.04 -5.96
CA ALA B 80 -7.83 12.82 -5.42
C ALA B 80 -7.34 13.59 -4.20
N TYR B 81 -8.04 14.70 -3.89
CA TYR B 81 -7.67 15.47 -2.72
C TYR B 81 -8.87 15.64 -1.78
N LEU B 82 -8.63 15.64 -0.48
CA LEU B 82 -9.61 15.94 0.57
C LEU B 82 -9.07 17.25 1.16
N CYS B 83 -9.82 18.32 0.99
CA CYS B 83 -9.30 19.66 1.25
C CYS B 83 -10.32 20.70 1.57
N VAL B 84 -9.83 21.86 2.01
CA VAL B 84 -10.64 23.09 1.96
C VAL B 84 -10.18 23.75 0.66
N TYR B 85 -11.15 24.23 -0.09
CA TYR B 85 -11.02 24.80 -1.39
C TYR B 85 -11.87 26.04 -1.60
N GLY B 86 -11.41 26.89 -2.51
CA GLY B 86 -12.22 28.03 -2.85
C GLY B 86 -11.47 28.93 -3.84
N TRP B 87 -12.05 30.12 -3.98
CA TRP B 87 -11.50 31.12 -4.87
C TRP B 87 -11.53 32.52 -4.29
N THR B 88 -10.70 33.36 -4.86
CA THR B 88 -10.75 34.82 -4.71
C THR B 88 -10.81 35.40 -6.14
N VAL B 89 -11.24 36.65 -6.23
CA VAL B 89 -11.28 37.43 -7.46
C VAL B 89 -10.55 38.76 -7.20
N ASP B 90 -9.83 39.19 -8.25
CA ASP B 90 -9.01 40.41 -8.23
C ASP B 90 -7.98 40.44 -7.12
N PRO B 91 -7.04 39.53 -7.14
CA PRO B 91 -6.80 38.59 -8.19
C PRO B 91 -7.53 37.24 -8.18
N LEU B 92 -7.68 36.69 -9.37
CA LEU B 92 -8.37 35.38 -9.51
C LEU B 92 -7.42 34.30 -9.06
N VAL B 93 -7.81 33.60 -7.98
CA VAL B 93 -6.95 32.62 -7.34
C VAL B 93 -7.85 31.44 -6.92
N GLU B 94 -7.37 30.26 -7.28
CA GLU B 94 -7.95 29.01 -6.84
C GLU B 94 -7.07 28.53 -5.69
N TYR B 95 -7.65 28.18 -4.55
CA TYR B 95 -6.80 27.81 -3.41
C TYR B 95 -7.24 26.50 -2.81
N TYR B 96 -6.25 25.87 -2.17
CA TYR B 96 -6.36 24.60 -1.55
C TYR B 96 -5.65 24.44 -0.22
N ILE B 97 -6.28 23.79 0.74
CA ILE B 97 -5.67 23.40 2.02
C ILE B 97 -5.92 21.89 2.06
N VAL B 98 -4.89 21.10 1.72
CA VAL B 98 -5.04 19.67 1.50
C VAL B 98 -4.66 18.86 2.74
N ASP B 99 -5.59 18.07 3.24
CA ASP B 99 -5.32 17.22 4.41
C ASP B 99 -5.11 15.75 4.04
N SER B 100 -5.68 15.30 2.91
CA SER B 100 -5.41 13.94 2.50
C SER B 100 -5.45 13.88 0.97
N TRP B 101 -4.93 12.80 0.44
CA TRP B 101 -4.84 12.63 -1.01
C TRP B 101 -4.82 11.14 -1.35
N GLY B 102 -4.76 10.80 -2.63
CA GLY B 102 -4.71 9.39 -3.01
C GLY B 102 -3.27 8.95 -3.18
N ASN B 103 -2.91 8.59 -4.43
CA ASN B 103 -1.55 8.08 -4.59
C ASN B 103 -0.51 9.18 -4.72
N TRP B 104 -0.94 10.40 -4.95
CA TRP B 104 0.01 11.47 -5.27
C TRP B 104 -0.12 12.72 -4.41
N ARG B 105 0.93 13.11 -3.68
CA ARG B 105 0.74 14.33 -2.84
C ARG B 105 0.92 15.54 -3.74
N PRO B 106 -0.06 16.42 -3.83
CA PRO B 106 0.01 17.60 -4.70
C PRO B 106 0.92 18.66 -4.12
N PRO B 107 1.29 19.66 -4.90
CA PRO B 107 0.88 19.87 -6.27
C PRO B 107 1.96 19.71 -7.32
N GLY B 108 3.10 19.12 -6.94
CA GLY B 108 4.19 18.83 -7.86
C GLY B 108 5.14 19.97 -8.09
N ALA B 109 5.18 21.00 -7.27
CA ALA B 109 6.03 22.16 -7.41
C ALA B 109 6.96 22.27 -6.20
N THR B 110 7.87 23.22 -6.22
CA THR B 110 8.79 23.41 -5.12
C THR B 110 8.13 24.29 -4.06
N PRO B 111 8.19 23.91 -2.80
CA PRO B 111 7.60 24.72 -1.74
C PRO B 111 8.25 26.09 -1.58
N LYS B 112 7.43 27.03 -1.09
CA LYS B 112 7.92 28.38 -0.83
C LYS B 112 7.93 28.73 0.66
N GLY B 113 7.35 27.86 1.47
CA GLY B 113 7.33 28.11 2.92
C GLY B 113 6.54 27.00 3.61
N THR B 114 6.41 27.19 4.93
CA THR B 114 5.70 26.20 5.75
C THR B 114 4.84 26.94 6.77
N ILE B 115 3.78 26.24 7.15
CA ILE B 115 2.93 26.68 8.26
C ILE B 115 2.69 25.47 9.16
N THR B 116 2.89 25.61 10.46
CA THR B 116 2.54 24.59 11.45
C THR B 116 1.20 25.01 12.03
N VAL B 117 0.17 24.17 11.89
CA VAL B 117 -1.18 24.59 12.27
C VAL B 117 -2.02 23.34 12.43
N ASP B 118 -2.95 23.37 13.36
CA ASP B 118 -3.88 22.24 13.57
C ASP B 118 -3.19 20.90 13.69
N GLY B 119 -2.09 20.88 14.46
CA GLY B 119 -1.35 19.67 14.82
C GLY B 119 -0.49 19.14 13.70
N GLY B 120 -0.38 19.86 12.58
CA GLY B 120 0.44 19.34 11.48
C GLY B 120 1.35 20.41 10.88
N THR B 121 2.19 19.96 10.00
CA THR B 121 3.05 20.84 9.21
C THR B 121 2.62 20.78 7.75
N TYR B 122 2.39 21.93 7.16
CA TYR B 122 2.01 22.08 5.79
C TYR B 122 3.08 22.82 4.98
N ASP B 123 3.41 22.24 3.84
CA ASP B 123 4.22 22.94 2.85
C ASP B 123 3.29 23.89 2.08
N ILE B 124 3.79 25.07 1.75
CA ILE B 124 3.03 26.08 1.00
C ILE B 124 3.59 26.20 -0.40
N TYR B 125 2.71 26.24 -1.42
CA TYR B 125 3.18 26.32 -2.81
C TYR B 125 2.29 27.32 -3.57
N GLU B 126 2.82 27.81 -4.69
CA GLU B 126 2.11 28.69 -5.57
C GLU B 126 2.31 28.17 -6.99
N THR B 127 1.23 27.91 -7.72
CA THR B 127 1.29 27.48 -9.10
C THR B 127 0.49 28.44 -10.01
N LEU B 128 0.51 28.13 -11.30
CA LEU B 128 -0.16 29.00 -12.29
C LEU B 128 -0.88 28.15 -13.30
N ARG B 129 -2.12 28.48 -13.54
CA ARG B 129 -2.95 27.85 -14.55
C ARG B 129 -3.19 28.90 -15.65
N VAL B 130 -2.78 28.55 -16.88
CA VAL B 130 -2.89 29.49 -18.00
C VAL B 130 -4.06 29.13 -18.92
N ASN B 131 -4.99 30.07 -19.09
CA ASN B 131 -6.13 29.97 -19.96
C ASN B 131 -6.83 28.63 -19.80
N GLN B 132 -7.31 28.34 -18.60
CA GLN B 132 -8.03 27.12 -18.26
C GLN B 132 -9.40 27.39 -17.68
N PRO B 133 -10.23 26.36 -17.57
CA PRO B 133 -11.58 26.53 -17.05
C PRO B 133 -11.48 27.05 -15.63
N SER B 134 -12.32 28.00 -15.29
CA SER B 134 -12.33 28.64 -13.99
C SER B 134 -13.73 29.02 -13.58
N ILE B 135 -13.88 29.73 -12.46
CA ILE B 135 -15.17 30.26 -12.05
C ILE B 135 -15.59 31.46 -12.92
N LYS B 136 -14.70 32.02 -13.72
CA LYS B 136 -15.05 33.17 -14.56
C LYS B 136 -14.74 32.82 -16.02
N GLY B 137 -15.18 31.61 -16.41
CA GLY B 137 -14.94 31.14 -17.78
C GLY B 137 -13.47 30.75 -17.95
N ILE B 138 -13.04 30.70 -19.21
CA ILE B 138 -11.66 30.28 -19.50
C ILE B 138 -10.80 31.48 -19.09
N ALA B 139 -9.83 31.24 -18.18
CA ALA B 139 -9.05 32.33 -17.68
C ALA B 139 -7.68 31.88 -17.14
N THR B 140 -6.87 32.90 -16.82
CA THR B 140 -5.57 32.64 -16.22
C THR B 140 -5.66 32.95 -14.73
N PHE B 141 -5.15 32.02 -13.90
CA PHE B 141 -5.25 32.29 -12.45
C PHE B 141 -4.14 31.60 -11.67
N LYS B 142 -3.77 32.18 -10.54
CA LYS B 142 -2.77 31.56 -9.66
C LYS B 142 -3.50 30.50 -8.82
N GLN B 143 -2.73 29.57 -8.31
CA GLN B 143 -3.26 28.59 -7.34
C GLN B 143 -2.36 28.68 -6.10
N TYR B 144 -3.01 28.76 -4.92
CA TYR B 144 -2.30 28.81 -3.65
C TYR B 144 -2.59 27.51 -2.89
N TRP B 145 -1.54 26.90 -2.35
CA TRP B 145 -1.69 25.64 -1.70
C TRP B 145 -1.04 25.60 -0.33
N SER B 146 -1.69 24.91 0.59
CA SER B 146 -1.10 24.41 1.80
C SER B 146 -1.33 22.90 1.72
N VAL B 147 -0.32 22.05 1.89
CA VAL B 147 -0.46 20.61 1.82
C VAL B 147 0.20 19.95 3.02
N ARG B 148 -0.60 19.25 3.80
CA ARG B 148 -0.11 18.59 5.00
C ARG B 148 0.96 17.56 4.64
N ARG B 149 1.91 17.41 5.58
CA ARG B 149 2.98 16.44 5.38
C ARG B 149 2.55 15.00 5.58
N SER B 150 1.51 14.77 6.35
CA SER B 150 1.03 13.38 6.46
C SER B 150 -0.48 13.51 6.38
N LYS B 151 -1.08 12.43 5.93
CA LYS B 151 -2.53 12.43 5.71
C LYS B 151 -3.35 12.42 6.98
N ARG B 152 -4.50 13.07 6.94
CA ARG B 152 -5.49 12.93 7.98
C ARG B 152 -6.86 13.14 7.33
N THR B 153 -7.91 12.64 7.95
CA THR B 153 -9.24 12.75 7.38
C THR B 153 -10.29 13.24 8.35
N SER B 154 -9.84 13.87 9.46
CA SER B 154 -10.76 14.53 10.37
C SER B 154 -9.99 15.56 11.21
N GLY B 155 -10.67 16.56 11.72
CA GLY B 155 -10.06 17.53 12.65
C GLY B 155 -10.58 18.92 12.28
N THR B 156 -9.84 19.91 12.70
CA THR B 156 -10.18 21.30 12.43
C THR B 156 -9.14 21.88 11.48
N ILE B 157 -9.60 22.62 10.50
CA ILE B 157 -8.75 23.40 9.59
C ILE B 157 -8.98 24.87 9.90
N SER B 158 -7.95 25.54 10.43
CA SER B 158 -8.01 26.95 10.77
C SER B 158 -7.70 27.70 9.48
N VAL B 159 -8.75 27.82 8.63
CA VAL B 159 -8.58 28.37 7.30
C VAL B 159 -7.88 29.73 7.32
N SER B 160 -8.32 30.65 8.16
CA SER B 160 -7.75 31.98 8.22
C SER B 160 -6.28 31.97 8.55
N ASN B 161 -5.80 30.99 9.33
CA ASN B 161 -4.35 30.95 9.58
C ASN B 161 -3.62 30.74 8.27
N HIS B 162 -4.12 29.84 7.41
CA HIS B 162 -3.47 29.59 6.13
C HIS B 162 -3.48 30.86 5.29
N PHE B 163 -4.63 31.53 5.21
CA PHE B 163 -4.71 32.75 4.44
C PHE B 163 -3.64 33.76 4.89
N ARG B 164 -3.47 33.88 6.21
CA ARG B 164 -2.49 34.84 6.72
C ARG B 164 -1.08 34.43 6.38
N ALA B 165 -0.81 33.15 6.42
CA ALA B 165 0.52 32.63 6.10
C ALA B 165 0.82 32.91 4.64
N TRP B 166 -0.13 32.61 3.76
CA TRP B 166 0.06 32.88 2.33
C TRP B 166 0.39 34.36 2.12
N GLU B 167 -0.43 35.24 2.68
CA GLU B 167 -0.18 36.67 2.52
C GLU B 167 1.14 37.09 3.14
N ASN B 168 1.55 36.49 4.25
CA ASN B 168 2.87 36.81 4.81
C ASN B 168 3.96 36.45 3.81
N LEU B 169 3.80 35.42 2.99
CA LEU B 169 4.75 34.99 1.99
C LEU B 169 4.60 35.69 0.65
N GLY B 170 3.75 36.71 0.56
CA GLY B 170 3.60 37.48 -0.66
C GLY B 170 2.52 36.94 -1.60
N MET B 171 1.74 35.97 -1.14
CA MET B 171 0.67 35.39 -1.97
C MET B 171 -0.61 36.14 -1.63
N ASN B 172 -0.85 37.27 -2.30
CA ASN B 172 -1.95 38.14 -2.02
C ASN B 172 -3.31 37.56 -2.41
N MET B 173 -4.28 37.71 -1.54
CA MET B 173 -5.60 37.14 -1.81
C MET B 173 -6.54 38.22 -2.28
N GLY B 174 -7.41 37.88 -3.21
CA GLY B 174 -8.42 38.83 -3.68
C GLY B 174 -9.67 38.86 -2.82
N LYS B 175 -10.79 39.37 -3.34
CA LYS B 175 -12.04 39.34 -2.60
C LYS B 175 -12.54 37.89 -2.60
N MET B 176 -13.14 37.48 -1.51
CA MET B 176 -13.60 36.08 -1.38
C MET B 176 -14.77 35.75 -2.29
N TYR B 177 -14.66 34.60 -2.96
CA TYR B 177 -15.73 34.05 -3.78
C TYR B 177 -16.28 32.81 -3.09
N GLU B 178 -15.44 32.02 -2.44
CA GLU B 178 -15.91 30.76 -1.83
C GLU B 178 -14.89 30.16 -0.85
N VAL B 179 -15.43 29.42 0.12
CA VAL B 179 -14.63 28.58 1.03
C VAL B 179 -15.44 27.31 1.23
N ALA B 180 -14.88 26.12 0.99
CA ALA B 180 -15.68 24.92 1.10
C ALA B 180 -14.90 23.65 1.36
N LEU B 181 -15.50 22.74 2.13
CA LEU B 181 -14.89 21.42 2.31
C LEU B 181 -15.17 20.66 0.99
N THR B 182 -14.11 20.18 0.39
CA THR B 182 -14.14 19.66 -0.99
C THR B 182 -13.42 18.37 -1.21
N VAL B 183 -14.02 17.58 -2.12
CA VAL B 183 -13.38 16.35 -2.59
C VAL B 183 -13.13 16.55 -4.07
N GLU B 184 -11.91 16.43 -4.53
CA GLU B 184 -11.54 16.60 -5.93
C GLU B 184 -10.93 15.31 -6.46
N GLY B 185 -11.33 14.88 -7.64
CA GLY B 185 -10.69 13.70 -8.23
C GLY B 185 -10.11 14.13 -9.59
N TYR B 186 -9.00 13.50 -9.90
CA TYR B 186 -8.32 13.74 -11.17
C TYR B 186 -7.86 12.41 -11.75
N GLN B 187 -8.36 12.06 -12.91
CA GLN B 187 -7.97 10.81 -13.58
C GLN B 187 -8.07 9.63 -12.65
N SER B 188 -9.29 9.50 -12.07
CA SER B 188 -9.44 8.48 -11.05
C SER B 188 -10.89 8.15 -10.84
N SER B 189 -11.10 7.21 -9.94
CA SER B 189 -12.39 6.78 -9.46
C SER B 189 -12.29 6.79 -7.92
N GLY B 190 -13.44 6.78 -7.24
CA GLY B 190 -13.32 6.65 -5.79
C GLY B 190 -14.62 7.00 -5.10
N SER B 191 -14.55 7.08 -3.79
CA SER B 191 -15.73 7.47 -2.99
C SER B 191 -15.28 8.25 -1.77
N ALA B 192 -16.19 9.04 -1.19
CA ALA B 192 -15.87 9.81 0.00
C ALA B 192 -17.21 10.02 0.72
N ASN B 193 -17.20 10.03 2.01
CA ASN B 193 -18.38 10.32 2.79
C ASN B 193 -17.98 11.38 3.81
N VAL B 194 -18.39 12.62 3.53
CA VAL B 194 -18.05 13.71 4.44
C VAL B 194 -19.16 13.72 5.49
N TYR B 195 -18.91 13.04 6.61
CA TYR B 195 -19.95 12.90 7.63
C TYR B 195 -19.97 14.02 8.65
N SER B 196 -19.03 14.95 8.60
CA SER B 196 -18.99 16.11 9.46
C SER B 196 -18.34 17.26 8.69
N ASN B 197 -18.96 18.42 8.67
CA ASN B 197 -18.47 19.58 7.99
C ASN B 197 -19.25 20.78 8.51
N THR B 198 -18.62 21.53 9.37
CA THR B 198 -19.17 22.75 9.93
C THR B 198 -18.20 23.89 9.72
N LEU B 199 -18.67 24.85 8.99
CA LEU B 199 -17.93 26.11 8.75
C LEU B 199 -18.44 27.14 9.78
N ARG B 200 -17.51 27.72 10.52
CA ARG B 200 -17.75 28.78 11.47
C ARG B 200 -17.08 30.06 10.96
N ILE B 201 -17.85 31.14 10.97
CA ILE B 201 -17.35 32.47 10.56
C ILE B 201 -17.43 33.35 11.81
N ASN B 202 -16.28 33.81 12.30
CA ASN B 202 -16.29 34.53 13.59
C ASN B 202 -16.93 33.73 14.72
N GLY B 203 -16.71 32.43 14.76
CA GLY B 203 -17.24 31.45 15.69
C GLY B 203 -18.67 31.03 15.45
N ASN B 204 -19.39 31.60 14.52
CA ASN B 204 -20.79 31.31 14.26
C ASN B 204 -20.95 30.29 13.13
N PRO B 205 -21.61 29.16 13.41
CA PRO B 205 -21.76 28.14 12.40
C PRO B 205 -22.68 28.63 11.30
N LEU B 206 -22.47 28.14 10.09
CA LEU B 206 -23.37 28.51 9.02
C LEU B 206 -24.78 28.04 9.31
N SER B 207 -25.80 28.84 8.93
CA SER B 207 -27.16 28.32 9.10
C SER B 207 -28.07 28.78 7.95
#